data_4YMG
#
_entry.id   4YMG
#
_cell.length_a   75.040
_cell.length_b   78.791
_cell.length_c   82.718
_cell.angle_alpha   90.00
_cell.angle_beta   90.00
_cell.angle_gamma   90.00
#
_symmetry.space_group_name_H-M   'P 21 21 21'
#
loop_
_entity.id
_entity.type
_entity.pdbx_description
1 polymer 'Putative SAM-dependent O-methyltranferase'
2 non-polymer S-ADENOSYLMETHIONINE
3 non-polymer 'PHOSPHATE ION'
4 non-polymer 'TETRAETHYLENE GLYCOL'
5 non-polymer 'MAGNESIUM ION'
6 water water
#
_entity_poly.entity_id   1
_entity_poly.type   'polypeptide(L)'
_entity_poly.pdbx_seq_one_letter_code
;MLGSILPFNEETADRVSAYCEKNSHGIPDALVEHWEWTRTRFPDADKMSSRLQGSWMIFTARDRKPKRILEIGCYSGYSA
LAWYEGTRDTKAEIVTLEYSPKMIAASREAFKKYGVGDRVKLIEGPAENTLKTLEGEFDLIFVDANKDGYAGYVKTILDQ
GLLSANGIILCDNVFARGLTIGPDCAPWLNDHVRPYWNGCGQALDKFSAGLMEDPRIDVLLLPVFDGVTQIRWKDGAQRA
;
_entity_poly.pdbx_strand_id   A,B
#
# COMPACT_ATOMS: atom_id res chain seq x y z
N LEU A 2 7.59 -1.20 18.41
CA LEU A 2 7.77 -0.21 17.36
C LEU A 2 6.51 -0.04 16.51
N GLY A 3 6.01 1.19 16.46
CA GLY A 3 4.78 1.52 15.76
C GLY A 3 4.97 1.68 14.26
N SER A 4 3.88 1.56 13.53
CA SER A 4 3.91 1.62 12.07
C SER A 4 3.02 2.73 11.54
N ILE A 5 2.54 3.57 12.43
CA ILE A 5 1.60 4.62 12.04
C ILE A 5 2.05 5.93 12.65
N LEU A 6 2.16 6.96 11.81
CA LEU A 6 2.47 8.31 12.26
C LEU A 6 1.25 8.94 12.90
N PRO A 7 1.42 9.52 14.09
CA PRO A 7 0.29 10.24 14.70
C PRO A 7 0.11 11.62 14.09
N PHE A 8 -1.11 11.96 13.69
CA PHE A 8 -1.41 13.28 13.13
C PHE A 8 -2.68 13.77 13.79
N ASN A 9 -2.78 15.07 14.07
CA ASN A 9 -4.08 15.61 14.46
C ASN A 9 -4.89 15.79 13.17
N GLU A 10 -6.14 16.20 13.28
CA GLU A 10 -7.02 16.26 12.10
C GLU A 10 -6.49 17.18 11.00
N GLU A 11 -6.17 18.42 11.37
CA GLU A 11 -5.70 19.41 10.42
C GLU A 11 -4.44 18.93 9.71
N THR A 12 -3.49 18.38 10.47
CA THR A 12 -2.22 17.95 9.91
C THR A 12 -2.40 16.75 8.98
N ALA A 13 -3.26 15.81 9.37
CA ALA A 13 -3.54 14.64 8.53
C ALA A 13 -4.04 15.06 7.15
N ASP A 14 -4.95 16.04 7.14
CA ASP A 14 -5.48 16.57 5.89
C ASP A 14 -4.37 17.22 5.08
N ARG A 15 -3.46 17.91 5.74
CA ARG A 15 -2.36 18.55 5.03
C ARG A 15 -1.41 17.54 4.41
N VAL A 16 -1.14 16.46 5.14
CA VAL A 16 -0.30 15.39 4.62
C VAL A 16 -1.03 14.66 3.48
N SER A 17 -2.35 14.52 3.58
CA SER A 17 -3.13 13.98 2.48
C SER A 17 -2.95 14.82 1.23
N ALA A 18 -3.10 16.13 1.40
CA ALA A 18 -2.95 17.06 0.28
C ALA A 18 -1.54 16.97 -0.32
N TYR A 19 -0.54 16.77 0.53
CA TYR A 19 0.85 16.62 0.06
C TYR A 19 0.97 15.38 -0.83
N CYS A 20 0.39 14.27 -0.37
CA CYS A 20 0.43 13.04 -1.16
C CYS A 20 -0.22 13.26 -2.52
N GLU A 21 -1.35 13.96 -2.53
CA GLU A 21 -2.06 14.24 -3.78
C GLU A 21 -1.20 15.06 -4.70
N LYS A 22 -0.56 16.06 -4.16
CA LYS A 22 0.31 16.92 -4.91
C LYS A 22 1.49 16.19 -5.51
N ASN A 23 2.02 15.21 -4.79
CA ASN A 23 3.19 14.47 -5.24
C ASN A 23 2.92 13.05 -5.75
N SER A 24 1.67 12.84 -6.17
CA SER A 24 1.26 11.63 -6.86
C SER A 24 0.57 12.10 -8.13
N HIS A 25 0.69 11.33 -9.20
CA HIS A 25 -0.03 11.69 -10.42
C HIS A 25 -1.53 11.69 -10.14
N GLY A 26 -2.23 12.71 -10.64
CA GLY A 26 -3.63 12.87 -10.33
C GLY A 26 -4.50 11.96 -11.16
N ILE A 27 -5.77 11.86 -10.79
CA ILE A 27 -6.73 11.15 -11.61
C ILE A 27 -7.08 12.01 -12.81
N PRO A 28 -7.52 11.39 -13.91
CA PRO A 28 -7.91 12.11 -15.13
C PRO A 28 -8.97 13.19 -14.87
N ASP A 29 -8.93 14.28 -15.65
CA ASP A 29 -9.89 15.39 -15.51
C ASP A 29 -11.35 14.91 -15.52
N ALA A 30 -11.65 13.95 -16.37
CA ALA A 30 -13.01 13.40 -16.46
C ALA A 30 -13.44 12.73 -15.16
N LEU A 31 -12.48 12.17 -14.43
CA LEU A 31 -12.80 11.47 -13.19
C LEU A 31 -12.90 12.45 -12.04
N VAL A 32 -12.12 13.53 -12.10
CA VAL A 32 -12.24 14.65 -11.18
C VAL A 32 -13.64 15.23 -11.28
N GLU A 33 -14.09 15.38 -12.52
CA GLU A 33 -15.41 15.91 -12.83
C GLU A 33 -16.51 15.04 -12.20
N HIS A 34 -16.37 13.73 -12.37
CA HIS A 34 -17.29 12.76 -11.79
C HIS A 34 -17.31 12.82 -10.27
N TRP A 35 -16.11 12.87 -9.66
CA TRP A 35 -15.96 12.99 -8.22
C TRP A 35 -16.69 14.23 -7.69
N GLU A 36 -16.45 15.37 -8.34
CA GLU A 36 -17.10 16.63 -7.94
C GLU A 36 -18.61 16.55 -8.10
N TRP A 37 -19.06 15.97 -9.21
CA TRP A 37 -20.48 15.79 -9.47
C TRP A 37 -21.14 14.99 -8.35
N THR A 38 -20.49 13.90 -7.95
CA THR A 38 -21.01 13.07 -6.86
C THR A 38 -21.11 13.86 -5.55
N ARG A 39 -20.06 14.60 -5.22
CA ARG A 39 -20.02 15.41 -4.01
C ARG A 39 -21.14 16.47 -3.99
N THR A 40 -21.58 16.88 -5.17
CA THR A 40 -22.57 17.93 -5.31
C THR A 40 -24.00 17.40 -5.25
N ARG A 41 -24.23 16.30 -5.94
CA ARG A 41 -25.57 15.80 -6.17
C ARG A 41 -26.10 14.93 -5.03
N PHE A 42 -25.19 14.31 -4.29
CA PHE A 42 -25.59 13.35 -3.27
C PHE A 42 -25.21 13.74 -1.84
N PRO A 43 -26.22 13.77 -0.95
CA PRO A 43 -26.03 14.03 0.47
C PRO A 43 -25.07 13.06 1.14
N ASP A 44 -25.12 11.78 0.78
CA ASP A 44 -24.27 10.78 1.44
C ASP A 44 -22.94 10.55 0.69
N ALA A 45 -22.43 11.58 0.02
CA ALA A 45 -21.23 11.43 -0.80
C ALA A 45 -19.96 11.06 -0.01
N ASP A 46 -20.03 11.09 1.31
CA ASP A 46 -18.91 10.61 2.14
C ASP A 46 -18.65 9.13 1.91
N LYS A 47 -19.59 8.44 1.27
CA LYS A 47 -19.39 7.03 0.91
C LYS A 47 -18.32 6.86 -0.15
N MET A 48 -18.11 7.88 -0.97
CA MET A 48 -17.19 7.79 -2.10
C MET A 48 -15.72 7.85 -1.67
N SER A 49 -14.87 7.07 -2.31
CA SER A 49 -13.42 7.10 -2.04
C SER A 49 -12.86 8.49 -2.31
N SER A 50 -11.70 8.78 -1.74
CA SER A 50 -11.05 10.08 -1.89
C SER A 50 -10.33 10.22 -3.23
N ARG A 51 -9.88 11.43 -3.54
CA ARG A 51 -9.10 11.64 -4.75
C ARG A 51 -7.78 10.85 -4.72
N LEU A 52 -7.11 10.87 -3.57
CA LEU A 52 -5.86 10.15 -3.43
C LEU A 52 -6.10 8.64 -3.59
N GLN A 53 -7.17 8.14 -2.99
CA GLN A 53 -7.56 6.75 -3.16
C GLN A 53 -7.77 6.42 -4.64
N GLY A 54 -8.32 7.38 -5.39
CA GLY A 54 -8.43 7.29 -6.84
C GLY A 54 -7.09 7.04 -7.51
N SER A 55 -6.09 7.85 -7.18
CA SER A 55 -4.77 7.67 -7.75
C SER A 55 -4.20 6.30 -7.39
N TRP A 56 -4.46 5.88 -6.16
CA TRP A 56 -3.96 4.59 -5.72
C TRP A 56 -4.60 3.45 -6.52
N MET A 57 -5.91 3.54 -6.76
CA MET A 57 -6.59 2.52 -7.54
C MET A 57 -6.05 2.45 -8.96
N ILE A 58 -5.94 3.62 -9.60
CA ILE A 58 -5.41 3.67 -10.96
C ILE A 58 -3.98 3.14 -11.04
N PHE A 59 -3.14 3.56 -10.11
CA PHE A 59 -1.75 3.08 -10.08
C PHE A 59 -1.69 1.57 -9.90
N THR A 60 -2.49 1.06 -8.97
CA THR A 60 -2.52 -0.37 -8.67
C THR A 60 -2.94 -1.17 -9.90
N ALA A 61 -3.96 -0.69 -10.61
CA ALA A 61 -4.38 -1.33 -11.84
C ALA A 61 -3.32 -1.23 -12.94
N ARG A 62 -2.68 -0.08 -13.09
CA ARG A 62 -1.65 0.06 -14.13
C ARG A 62 -0.48 -0.87 -13.84
N ASP A 63 -0.14 -0.96 -12.56
CA ASP A 63 0.96 -1.80 -12.09
C ASP A 63 0.67 -3.29 -12.31
N ARG A 64 -0.37 -3.77 -11.64
CA ARG A 64 -0.68 -5.20 -11.62
C ARG A 64 -1.26 -5.70 -12.94
N LYS A 65 -1.87 -4.80 -13.71
CA LYS A 65 -2.58 -5.16 -14.95
C LYS A 65 -3.52 -6.37 -14.79
N PRO A 66 -4.49 -6.28 -13.87
CA PRO A 66 -5.48 -7.36 -13.76
C PRO A 66 -6.34 -7.44 -15.02
N LYS A 67 -6.71 -8.65 -15.42
CA LYS A 67 -7.51 -8.87 -16.63
C LYS A 67 -9.02 -8.77 -16.37
N ARG A 68 -9.41 -9.12 -15.15
CA ARG A 68 -10.81 -9.07 -14.72
C ARG A 68 -10.83 -8.49 -13.32
N ILE A 69 -11.66 -7.46 -13.13
CA ILE A 69 -11.80 -6.80 -11.85
C ILE A 69 -13.22 -6.95 -11.35
N LEU A 70 -13.34 -7.27 -10.07
CA LEU A 70 -14.64 -7.28 -9.43
C LEU A 70 -14.62 -6.31 -8.27
N GLU A 71 -15.63 -5.47 -8.18
CA GLU A 71 -15.76 -4.66 -6.99
C GLU A 71 -17.16 -4.82 -6.42
N ILE A 72 -17.24 -4.76 -5.10
CA ILE A 72 -18.51 -4.83 -4.41
C ILE A 72 -18.82 -3.48 -3.76
N GLY A 73 -19.86 -2.81 -4.25
CA GLY A 73 -20.20 -1.48 -3.77
C GLY A 73 -19.85 -0.41 -4.78
N CYS A 74 -20.71 -0.23 -5.77
CA CYS A 74 -20.45 0.71 -6.85
C CYS A 74 -20.63 2.16 -6.39
N TYR A 75 -21.65 2.39 -5.57
CA TYR A 75 -22.11 3.74 -5.23
C TYR A 75 -22.35 4.56 -6.52
N SER A 76 -21.54 5.60 -6.78
CA SER A 76 -21.76 6.44 -7.94
C SER A 76 -20.89 6.05 -9.14
N GLY A 77 -20.05 5.04 -8.95
CA GLY A 77 -19.21 4.53 -10.02
C GLY A 77 -17.78 5.06 -9.98
N TYR A 78 -17.42 5.79 -8.94
CA TYR A 78 -16.09 6.38 -8.87
C TYR A 78 -14.96 5.35 -8.97
N SER A 79 -15.01 4.33 -8.11
CA SER A 79 -13.92 3.36 -8.08
C SER A 79 -13.97 2.50 -9.34
N ALA A 80 -15.17 2.22 -9.83
CA ALA A 80 -15.30 1.52 -11.12
C ALA A 80 -14.62 2.28 -12.27
N LEU A 81 -14.80 3.59 -12.31
CA LEU A 81 -14.19 4.39 -13.35
C LEU A 81 -12.69 4.50 -13.16
N ALA A 82 -12.24 4.45 -11.90
CA ALA A 82 -10.80 4.43 -11.63
C ALA A 82 -10.17 3.14 -12.16
N TRP A 83 -10.78 2.00 -11.86
CA TRP A 83 -10.31 0.72 -12.39
C TRP A 83 -10.30 0.76 -13.91
N TYR A 84 -11.36 1.33 -14.48
CA TYR A 84 -11.49 1.51 -15.94
C TYR A 84 -10.30 2.28 -16.52
N GLU A 85 -9.94 3.38 -15.85
CA GLU A 85 -8.87 4.25 -16.33
C GLU A 85 -7.52 3.56 -16.24
N GLY A 86 -7.34 2.73 -15.23
CA GLY A 86 -6.07 2.04 -15.03
C GLY A 86 -5.92 0.78 -15.86
N THR A 87 -6.94 0.47 -16.66
CA THR A 87 -6.96 -0.74 -17.46
C THR A 87 -7.35 -0.46 -18.92
N ARG A 88 -7.13 0.78 -19.37
CA ARG A 88 -7.38 1.14 -20.76
C ARG A 88 -6.48 0.35 -21.71
N ASP A 89 -5.31 -0.05 -21.24
CA ASP A 89 -4.36 -0.75 -22.11
C ASP A 89 -4.76 -2.20 -22.31
N THR A 90 -5.39 -2.80 -21.31
CA THR A 90 -5.76 -4.21 -21.36
C THR A 90 -7.24 -4.40 -21.71
N LYS A 91 -8.01 -3.32 -21.58
CA LYS A 91 -9.48 -3.38 -21.70
C LYS A 91 -10.04 -4.44 -20.75
N ALA A 92 -9.51 -4.47 -19.54
CA ALA A 92 -9.98 -5.40 -18.52
C ALA A 92 -11.50 -5.30 -18.31
N GLU A 93 -12.15 -6.45 -18.13
CA GLU A 93 -13.55 -6.46 -17.74
C GLU A 93 -13.66 -5.98 -16.30
N ILE A 94 -14.67 -5.17 -16.02
CA ILE A 94 -14.89 -4.63 -14.70
C ILE A 94 -16.34 -4.88 -14.28
N VAL A 95 -16.50 -5.75 -13.31
CA VAL A 95 -17.82 -6.13 -12.80
C VAL A 95 -18.02 -5.41 -11.47
N THR A 96 -19.14 -4.67 -11.33
CA THR A 96 -19.37 -3.92 -10.10
C THR A 96 -20.78 -4.17 -9.54
N LEU A 97 -20.83 -4.52 -8.26
CA LEU A 97 -22.08 -4.88 -7.58
C LEU A 97 -22.68 -3.72 -6.78
N GLU A 98 -23.99 -3.52 -6.91
CA GLU A 98 -24.68 -2.43 -6.21
C GLU A 98 -26.15 -2.83 -6.01
N TYR A 99 -26.72 -2.49 -4.90
CA TYR A 99 -28.09 -2.82 -4.63
C TYR A 99 -29.03 -1.64 -4.52
N SER A 100 -28.52 -0.46 -4.37
CA SER A 100 -29.38 0.71 -4.27
C SER A 100 -29.95 1.12 -5.62
N PRO A 101 -31.28 1.21 -5.70
CA PRO A 101 -31.91 1.65 -6.97
C PRO A 101 -31.43 3.03 -7.40
N LYS A 102 -31.31 3.95 -6.43
CA LYS A 102 -30.90 5.31 -6.75
C LYS A 102 -29.49 5.31 -7.33
N MET A 103 -28.59 4.57 -6.71
CA MET A 103 -27.19 4.63 -7.10
C MET A 103 -26.92 3.77 -8.35
N ILE A 104 -27.75 2.75 -8.57
CA ILE A 104 -27.72 2.01 -9.84
C ILE A 104 -27.99 2.98 -11.00
N ALA A 105 -29.05 3.78 -10.85
CA ALA A 105 -29.43 4.74 -11.88
C ALA A 105 -28.33 5.79 -12.06
N ALA A 106 -27.80 6.28 -10.93
CA ALA A 106 -26.76 7.30 -10.95
C ALA A 106 -25.50 6.78 -11.63
N SER A 107 -25.15 5.53 -11.35
CA SER A 107 -23.97 4.91 -11.91
C SER A 107 -24.14 4.64 -13.41
N ARG A 108 -25.32 4.21 -13.84
CA ARG A 108 -25.52 3.92 -15.27
C ARG A 108 -25.43 5.23 -16.06
N GLU A 109 -25.96 6.29 -15.48
CA GLU A 109 -25.88 7.61 -16.08
C GLU A 109 -24.44 8.08 -16.20
N ALA A 110 -23.67 7.94 -15.12
CA ALA A 110 -22.27 8.32 -15.12
C ALA A 110 -21.44 7.47 -16.09
N PHE A 111 -21.70 6.17 -16.13
CA PHE A 111 -20.98 5.30 -17.06
C PHE A 111 -21.26 5.66 -18.51
N LYS A 112 -22.53 5.91 -18.81
CA LYS A 112 -22.95 6.29 -20.16
C LYS A 112 -22.29 7.61 -20.57
N LYS A 113 -22.32 8.57 -19.65
CA LYS A 113 -21.75 9.90 -19.92
C LYS A 113 -20.24 9.85 -20.08
N TYR A 114 -19.58 9.04 -19.25
CA TYR A 114 -18.13 8.89 -19.30
C TYR A 114 -17.71 8.21 -20.60
N GLY A 115 -18.65 7.49 -21.20
CA GLY A 115 -18.43 6.88 -22.50
C GLY A 115 -17.75 5.54 -22.43
N VAL A 116 -17.93 4.84 -21.32
CA VAL A 116 -17.33 3.53 -21.17
C VAL A 116 -18.09 2.52 -22.03
N GLY A 117 -17.37 1.51 -22.53
CA GLY A 117 -18.01 0.44 -23.28
C GLY A 117 -18.58 -0.63 -22.37
N ASP A 118 -18.94 -1.78 -22.94
CA ASP A 118 -19.63 -2.80 -22.17
C ASP A 118 -18.68 -3.65 -21.33
N ARG A 119 -17.39 -3.32 -21.33
CA ARG A 119 -16.45 -4.02 -20.44
C ARG A 119 -16.67 -3.61 -18.98
N VAL A 120 -17.43 -2.54 -18.76
CA VAL A 120 -17.88 -2.20 -17.41
C VAL A 120 -19.30 -2.72 -17.20
N LYS A 121 -19.45 -3.66 -16.28
CA LYS A 121 -20.73 -4.33 -16.08
C LYS A 121 -21.24 -4.12 -14.65
N LEU A 122 -22.35 -3.41 -14.55
CA LEU A 122 -22.99 -3.16 -13.27
C LEU A 122 -24.04 -4.24 -13.03
N ILE A 123 -23.86 -5.04 -11.98
CA ILE A 123 -24.82 -6.08 -11.65
C ILE A 123 -25.66 -5.64 -10.47
N GLU A 124 -26.97 -5.61 -10.68
CA GLU A 124 -27.90 -5.00 -9.71
C GLU A 124 -28.43 -6.01 -8.72
N GLY A 125 -28.48 -5.63 -7.44
CA GLY A 125 -29.04 -6.49 -6.42
C GLY A 125 -28.17 -6.63 -5.19
N PRO A 126 -28.72 -7.21 -4.12
CA PRO A 126 -27.90 -7.43 -2.92
C PRO A 126 -26.72 -8.35 -3.25
N ALA A 127 -25.52 -7.95 -2.87
CA ALA A 127 -24.32 -8.69 -3.23
C ALA A 127 -24.29 -10.10 -2.62
N GLU A 128 -24.94 -10.28 -1.47
CA GLU A 128 -25.02 -11.60 -0.87
C GLU A 128 -25.59 -12.60 -1.88
N ASN A 129 -26.52 -12.14 -2.70
CA ASN A 129 -27.12 -12.98 -3.72
C ASN A 129 -26.38 -12.97 -5.06
N THR A 130 -26.00 -11.80 -5.55
CA THR A 130 -25.40 -11.73 -6.88
C THR A 130 -23.96 -12.28 -6.93
N LEU A 131 -23.20 -12.10 -5.86
CA LEU A 131 -21.80 -12.57 -5.83
C LEU A 131 -21.70 -14.06 -6.15
N LYS A 132 -22.62 -14.84 -5.58
CA LYS A 132 -22.67 -16.27 -5.79
C LYS A 132 -22.91 -16.68 -7.25
N THR A 133 -23.55 -15.81 -8.03
CA THR A 133 -23.90 -16.17 -9.41
C THR A 133 -22.75 -15.95 -10.38
N LEU A 134 -21.69 -15.28 -9.95
CA LEU A 134 -20.59 -14.94 -10.85
C LEU A 134 -19.78 -16.18 -11.18
N GLU A 135 -19.23 -16.20 -12.39
CA GLU A 135 -18.41 -17.33 -12.81
C GLU A 135 -17.00 -16.86 -13.13
N GLY A 136 -16.09 -17.81 -13.31
CA GLY A 136 -14.72 -17.49 -13.64
C GLY A 136 -13.96 -16.98 -12.44
N GLU A 137 -12.89 -16.24 -12.69
CA GLU A 137 -12.07 -15.74 -11.60
C GLU A 137 -11.66 -14.30 -11.87
N PHE A 138 -11.35 -13.58 -10.80
CA PHE A 138 -10.97 -12.19 -10.92
C PHE A 138 -9.54 -12.01 -10.40
N ASP A 139 -8.77 -11.16 -11.09
CA ASP A 139 -7.38 -10.88 -10.70
C ASP A 139 -7.27 -9.84 -9.60
N LEU A 140 -8.30 -9.01 -9.46
CA LEU A 140 -8.32 -8.00 -8.41
C LEU A 140 -9.76 -7.88 -7.92
N ILE A 141 -9.96 -8.00 -6.61
CA ILE A 141 -11.29 -7.87 -6.05
C ILE A 141 -11.28 -6.77 -5.01
N PHE A 142 -12.18 -5.80 -5.16
CA PHE A 142 -12.23 -4.63 -4.29
C PHE A 142 -13.52 -4.68 -3.49
N VAL A 143 -13.39 -4.92 -2.20
CA VAL A 143 -14.56 -5.08 -1.33
C VAL A 143 -14.80 -3.78 -0.59
N ASP A 144 -15.92 -3.14 -0.87
CA ASP A 144 -16.18 -1.78 -0.41
C ASP A 144 -17.67 -1.54 -0.22
N ALA A 145 -18.39 -2.53 0.30
CA ALA A 145 -19.80 -2.32 0.52
C ALA A 145 -20.14 -2.44 2.00
N ASN A 146 -21.15 -3.22 2.34
CA ASN A 146 -21.58 -3.25 3.72
C ASN A 146 -20.59 -3.98 4.61
N LYS A 147 -20.10 -3.28 5.62
CA LYS A 147 -18.98 -3.78 6.40
C LYS A 147 -19.37 -5.02 7.19
N ASP A 148 -20.64 -5.12 7.58
CA ASP A 148 -21.12 -6.29 8.31
C ASP A 148 -21.13 -7.55 7.44
N GLY A 149 -20.92 -7.39 6.14
CA GLY A 149 -20.98 -8.53 5.24
C GLY A 149 -19.64 -8.95 4.66
N TYR A 150 -18.55 -8.28 5.03
CA TYR A 150 -17.23 -8.58 4.45
C TYR A 150 -16.83 -10.04 4.64
N ALA A 151 -17.11 -10.59 5.82
CA ALA A 151 -16.75 -11.98 6.11
C ALA A 151 -17.42 -12.93 5.12
N GLY A 152 -18.71 -12.74 4.90
CA GLY A 152 -19.48 -13.56 3.98
C GLY A 152 -18.99 -13.42 2.55
N TYR A 153 -18.72 -12.19 2.14
CA TYR A 153 -18.19 -11.94 0.79
C TYR A 153 -16.91 -12.70 0.53
N VAL A 154 -15.93 -12.54 1.44
CA VAL A 154 -14.65 -13.20 1.29
C VAL A 154 -14.79 -14.73 1.33
N LYS A 155 -15.62 -15.23 2.24
CA LYS A 155 -15.86 -16.67 2.30
C LYS A 155 -16.40 -17.18 0.94
N THR A 156 -17.39 -16.49 0.40
CA THR A 156 -17.94 -16.86 -0.92
C THR A 156 -16.87 -16.80 -2.00
N ILE A 157 -16.10 -15.72 -2.00
CA ILE A 157 -15.03 -15.55 -2.98
C ILE A 157 -14.02 -16.72 -2.95
N LEU A 158 -13.65 -17.13 -1.74
CA LEU A 158 -12.66 -18.17 -1.60
C LEU A 158 -13.28 -19.53 -1.89
N ASP A 159 -14.47 -19.78 -1.33
CA ASP A 159 -15.13 -21.07 -1.54
C ASP A 159 -15.43 -21.35 -3.01
N GLN A 160 -15.81 -20.36 -3.77
CA GLN A 160 -16.17 -20.55 -5.16
C GLN A 160 -15.03 -20.31 -6.15
N GLY A 161 -13.84 -20.04 -5.63
CA GLY A 161 -12.69 -19.82 -6.48
C GLY A 161 -12.82 -18.58 -7.37
N LEU A 162 -13.44 -17.54 -6.82
CA LEU A 162 -13.63 -16.30 -7.57
C LEU A 162 -12.34 -15.48 -7.63
N LEU A 163 -11.37 -15.88 -6.83
CA LEU A 163 -10.09 -15.18 -6.77
C LEU A 163 -9.03 -15.99 -7.52
N SER A 164 -8.41 -15.38 -8.53
CA SER A 164 -7.40 -16.08 -9.32
C SER A 164 -6.14 -16.37 -8.49
N ALA A 165 -5.35 -17.35 -8.94
CA ALA A 165 -4.18 -17.79 -8.19
C ALA A 165 -3.21 -16.68 -7.91
N ASN A 166 -3.11 -15.72 -8.83
CA ASN A 166 -2.20 -14.60 -8.61
C ASN A 166 -2.94 -13.29 -8.38
N GLY A 167 -4.19 -13.41 -7.93
CA GLY A 167 -5.02 -12.26 -7.67
C GLY A 167 -4.87 -11.72 -6.26
N ILE A 168 -5.45 -10.56 -6.01
CA ILE A 168 -5.46 -9.99 -4.69
C ILE A 168 -6.88 -9.51 -4.38
N ILE A 169 -7.29 -9.73 -3.13
CA ILE A 169 -8.49 -9.07 -2.60
C ILE A 169 -8.05 -7.86 -1.78
N LEU A 170 -8.67 -6.72 -2.04
CA LEU A 170 -8.45 -5.50 -1.29
C LEU A 170 -9.76 -5.08 -0.60
N CYS A 171 -9.76 -5.14 0.74
CA CYS A 171 -10.93 -4.79 1.54
C CYS A 171 -10.75 -3.42 2.16
N ASP A 172 -11.68 -2.52 1.87
CA ASP A 172 -11.54 -1.09 2.19
C ASP A 172 -12.24 -0.77 3.50
N ASN A 173 -11.80 0.30 4.14
CA ASN A 173 -12.43 0.83 5.35
C ASN A 173 -12.48 -0.16 6.53
N VAL A 174 -11.46 -1.01 6.64
CA VAL A 174 -11.50 -2.07 7.66
C VAL A 174 -11.32 -1.51 9.09
N PHE A 175 -10.73 -0.32 9.21
CA PHE A 175 -10.56 0.32 10.53
C PHE A 175 -11.85 0.95 11.10
N ALA A 176 -12.84 1.19 10.23
CA ALA A 176 -14.05 1.92 10.66
C ALA A 176 -13.70 3.19 11.43
N ARG A 177 -12.84 4.00 10.82
CA ARG A 177 -12.36 5.28 11.37
C ARG A 177 -11.53 5.08 12.65
N GLY A 178 -11.20 3.83 12.94
CA GLY A 178 -10.48 3.47 14.15
C GLY A 178 -11.30 2.61 15.10
N LEU A 179 -12.61 2.63 14.96
CA LEU A 179 -13.45 1.97 15.97
C LEU A 179 -13.40 0.45 15.86
N THR A 180 -12.83 -0.07 14.79
CA THR A 180 -12.58 -1.52 14.70
C THR A 180 -11.62 -1.93 15.81
N ILE A 181 -10.64 -1.07 16.09
CA ILE A 181 -9.62 -1.37 17.09
C ILE A 181 -10.15 -1.16 18.52
N GLY A 182 -10.88 -0.08 18.73
CA GLY A 182 -11.48 0.17 20.03
C GLY A 182 -12.40 1.38 20.03
N PRO A 183 -13.36 1.41 20.96
CA PRO A 183 -14.37 2.46 20.96
C PRO A 183 -13.80 3.86 21.25
N ASP A 184 -12.61 3.92 21.81
CA ASP A 184 -11.99 5.21 22.15
C ASP A 184 -10.97 5.69 21.09
N CYS A 185 -10.88 4.99 19.96
CA CYS A 185 -9.81 5.26 19.00
C CYS A 185 -10.15 6.30 17.94
N ALA A 186 -11.33 6.90 18.03
CA ALA A 186 -11.70 7.96 17.09
C ALA A 186 -12.45 9.09 17.80
N PRO A 187 -11.76 9.81 18.70
CA PRO A 187 -12.43 10.84 19.52
C PRO A 187 -12.94 12.03 18.71
N TRP A 188 -12.42 12.20 17.51
CA TRP A 188 -12.76 13.32 16.62
C TRP A 188 -14.07 13.12 15.86
N LEU A 189 -14.60 11.90 15.86
CA LEU A 189 -15.83 11.58 15.13
C LEU A 189 -17.03 12.35 15.64
N ASN A 190 -17.87 12.80 14.71
CA ASN A 190 -19.13 13.42 15.08
C ASN A 190 -20.07 12.42 15.77
N ASP A 191 -20.77 12.89 16.80
CA ASP A 191 -21.69 12.08 17.61
C ASP A 191 -22.68 11.31 16.74
N HIS A 192 -23.24 12.00 15.76
CA HIS A 192 -24.30 11.42 14.95
C HIS A 192 -23.83 10.30 14.03
N VAL A 193 -22.53 10.20 13.75
CA VAL A 193 -22.09 9.07 12.92
C VAL A 193 -21.40 7.98 13.75
N ARG A 194 -21.18 8.25 15.03
CA ARG A 194 -20.48 7.28 15.87
C ARG A 194 -21.21 5.94 16.01
N PRO A 195 -22.56 5.93 16.14
CA PRO A 195 -23.19 4.61 16.24
C PRO A 195 -22.99 3.77 14.99
N TYR A 196 -23.03 4.41 13.82
CA TYR A 196 -22.77 3.69 12.58
C TYR A 196 -21.36 3.08 12.54
N TRP A 197 -20.35 3.88 12.85
CA TRP A 197 -18.99 3.38 12.74
C TRP A 197 -18.67 2.39 13.85
N ASN A 198 -19.31 2.55 15.00
CA ASN A 198 -19.04 1.63 16.08
C ASN A 198 -19.61 0.25 15.76
N GLY A 199 -20.79 0.23 15.16
CA GLY A 199 -21.37 -1.02 14.69
C GLY A 199 -20.50 -1.68 13.61
N CYS A 200 -19.99 -0.89 12.67
CA CYS A 200 -19.14 -1.44 11.62
C CYS A 200 -17.84 -1.98 12.22
N GLY A 201 -17.30 -1.23 13.18
CA GLY A 201 -16.07 -1.62 13.84
C GLY A 201 -16.16 -2.98 14.51
N GLN A 202 -17.28 -3.26 15.18
CA GLN A 202 -17.43 -4.56 15.86
C GLN A 202 -17.50 -5.71 14.84
N ALA A 203 -18.19 -5.48 13.73
CA ALA A 203 -18.28 -6.45 12.65
C ALA A 203 -16.92 -6.67 11.98
N LEU A 204 -16.20 -5.58 11.75
CA LEU A 204 -14.92 -5.65 11.04
C LEU A 204 -13.84 -6.28 11.91
N ASP A 205 -13.99 -6.11 13.22
CA ASP A 205 -13.07 -6.75 14.14
C ASP A 205 -13.25 -8.27 14.07
N LYS A 206 -14.50 -8.72 14.04
CA LYS A 206 -14.79 -10.16 13.93
C LYS A 206 -14.30 -10.67 12.60
N PHE A 207 -14.49 -9.88 11.54
CA PHE A 207 -13.99 -10.19 10.21
C PHE A 207 -12.47 -10.37 10.20
N SER A 208 -11.77 -9.39 10.77
CA SER A 208 -10.31 -9.42 10.81
C SER A 208 -9.79 -10.64 11.55
N ALA A 209 -10.39 -10.93 12.69
CA ALA A 209 -10.01 -12.10 13.49
C ALA A 209 -10.24 -13.42 12.73
N GLY A 210 -11.38 -13.49 12.04
CA GLY A 210 -11.74 -14.67 11.27
C GLY A 210 -10.78 -14.97 10.13
N LEU A 211 -10.25 -13.94 9.48
CA LEU A 211 -9.31 -14.16 8.38
C LEU A 211 -8.06 -14.89 8.87
N MET A 212 -7.70 -14.64 10.12
CA MET A 212 -6.50 -15.25 10.72
C MET A 212 -6.70 -16.73 11.01
N GLU A 213 -7.94 -17.19 10.87
CA GLU A 213 -8.27 -18.60 11.09
C GLU A 213 -8.26 -19.42 9.79
N ASP A 214 -8.16 -18.73 8.66
CA ASP A 214 -8.28 -19.39 7.35
C ASP A 214 -6.90 -19.82 6.82
N PRO A 215 -6.68 -21.14 6.74
CA PRO A 215 -5.36 -21.67 6.36
C PRO A 215 -5.09 -21.55 4.86
N ARG A 216 -6.10 -21.17 4.08
CA ARG A 216 -5.94 -21.04 2.63
C ARG A 216 -5.24 -19.77 2.15
N ILE A 217 -5.18 -18.74 2.99
CA ILE A 217 -4.79 -17.40 2.53
C ILE A 217 -3.63 -16.77 3.28
N ASP A 218 -2.92 -15.86 2.61
CA ASP A 218 -2.00 -14.90 3.22
C ASP A 218 -2.78 -13.61 3.51
N VAL A 219 -2.58 -13.01 4.68
CA VAL A 219 -3.36 -11.85 5.08
C VAL A 219 -2.47 -10.72 5.61
N LEU A 220 -2.69 -9.51 5.10
CA LEU A 220 -1.99 -8.33 5.62
C LEU A 220 -2.98 -7.21 5.83
N LEU A 221 -3.09 -6.71 7.06
CA LEU A 221 -3.92 -5.53 7.34
C LEU A 221 -3.03 -4.30 7.31
N LEU A 222 -3.11 -3.58 6.20
CA LEU A 222 -2.25 -2.42 5.93
C LEU A 222 -2.84 -1.14 6.50
N PRO A 223 -2.08 -0.44 7.35
CA PRO A 223 -2.59 0.79 7.97
C PRO A 223 -2.50 1.99 7.05
N VAL A 224 -3.24 1.95 5.95
CA VAL A 224 -3.28 3.08 5.04
C VAL A 224 -4.75 3.43 4.81
N PHE A 225 -5.01 4.71 4.56
CA PHE A 225 -6.35 5.23 4.37
C PHE A 225 -7.18 4.85 5.60
N ASP A 226 -8.32 4.19 5.38
CA ASP A 226 -9.19 3.79 6.50
C ASP A 226 -9.00 2.31 6.80
N GLY A 227 -7.80 1.81 6.49
CA GLY A 227 -7.46 0.42 6.70
C GLY A 227 -7.73 -0.42 5.46
N VAL A 228 -6.71 -1.05 4.92
CA VAL A 228 -6.92 -1.95 3.79
C VAL A 228 -6.40 -3.34 4.08
N THR A 229 -7.30 -4.31 4.04
CA THR A 229 -6.87 -5.70 4.20
C THR A 229 -6.56 -6.31 2.84
N GLN A 230 -5.33 -6.82 2.72
CA GLN A 230 -4.88 -7.49 1.50
C GLN A 230 -4.91 -9.00 1.70
N ILE A 231 -5.56 -9.69 0.77
CA ILE A 231 -5.71 -11.13 0.85
C ILE A 231 -5.25 -11.81 -0.45
N ARG A 232 -4.45 -12.85 -0.32
CA ARG A 232 -4.12 -13.69 -1.47
C ARG A 232 -4.17 -15.16 -1.08
N TRP A 233 -4.27 -16.03 -2.07
CA TRP A 233 -4.13 -17.46 -1.84
C TRP A 233 -2.70 -17.74 -1.38
N LYS A 234 -2.53 -18.61 -0.39
CA LYS A 234 -1.21 -19.14 -0.05
C LYS A 234 -0.65 -19.86 -1.27
N ASP A 235 0.67 -19.88 -1.44
CA ASP A 235 1.26 -20.51 -2.63
C ASP A 235 0.98 -22.00 -2.65
N LEU B 2 -11.45 17.31 2.36
CA LEU B 2 -11.15 16.33 3.40
C LEU B 2 -10.24 15.23 2.89
N GLY B 3 -9.34 14.75 3.75
CA GLY B 3 -8.24 13.90 3.32
C GLY B 3 -8.42 12.41 3.44
N SER B 4 -7.33 11.68 3.19
CA SER B 4 -7.35 10.23 3.15
C SER B 4 -6.66 9.60 4.35
N ILE B 5 -6.28 10.40 5.33
CA ILE B 5 -5.47 9.90 6.44
C ILE B 5 -6.24 10.06 7.75
N LEU B 6 -6.33 8.97 8.52
CA LEU B 6 -6.96 9.01 9.84
C LEU B 6 -6.04 9.65 10.87
N PRO B 7 -6.58 10.60 11.66
CA PRO B 7 -5.78 11.24 12.71
C PRO B 7 -5.78 10.39 13.98
N PHE B 8 -4.60 10.08 14.49
CA PHE B 8 -4.46 9.32 15.73
C PHE B 8 -3.47 10.05 16.62
N ASN B 9 -3.66 10.02 17.93
CA ASN B 9 -2.57 10.48 18.80
C ASN B 9 -1.54 9.36 18.92
N GLU B 10 -0.42 9.62 19.59
CA GLU B 10 0.68 8.65 19.61
C GLU B 10 0.27 7.30 20.18
N GLU B 11 -0.38 7.33 21.34
CA GLU B 11 -0.80 6.11 22.03
C GLU B 11 -1.76 5.29 21.17
N THR B 12 -2.73 5.96 20.57
CA THR B 12 -3.73 5.27 19.75
C THR B 12 -3.12 4.73 18.45
N ALA B 13 -2.26 5.52 17.82
CA ALA B 13 -1.52 5.06 16.65
C ALA B 13 -0.75 3.76 16.94
N ASP B 14 -0.12 3.67 18.10
CA ASP B 14 0.60 2.45 18.46
C ASP B 14 -0.37 1.28 18.68
N ARG B 15 -1.54 1.54 19.28
CA ARG B 15 -2.54 0.49 19.48
C ARG B 15 -3.07 -0.02 18.15
N VAL B 16 -3.30 0.89 17.21
CA VAL B 16 -3.76 0.48 15.88
C VAL B 16 -2.65 -0.28 15.17
N SER B 17 -1.40 0.13 15.36
CA SER B 17 -0.27 -0.64 14.81
C SER B 17 -0.25 -2.07 15.36
N ALA B 18 -0.40 -2.20 16.68
CA ALA B 18 -0.39 -3.52 17.30
C ALA B 18 -1.57 -4.36 16.80
N TYR B 19 -2.70 -3.71 16.57
CA TYR B 19 -3.87 -4.42 16.07
C TYR B 19 -3.59 -4.97 14.67
N CYS B 20 -2.89 -4.19 13.85
CA CYS B 20 -2.52 -4.62 12.52
C CYS B 20 -1.59 -5.83 12.59
N GLU B 21 -0.64 -5.80 13.53
CA GLU B 21 0.29 -6.93 13.67
C GLU B 21 -0.46 -8.16 14.13
N LYS B 22 -1.40 -7.99 15.06
CA LYS B 22 -2.21 -9.10 15.57
C LYS B 22 -3.09 -9.73 14.49
N ASN B 23 -3.55 -8.92 13.55
CA ASN B 23 -4.45 -9.41 12.52
C ASN B 23 -3.82 -9.46 11.13
N SER B 24 -2.49 -9.56 11.11
CA SER B 24 -1.76 -9.88 9.87
C SER B 24 -0.90 -11.09 10.19
N HIS B 25 -0.57 -11.88 9.18
CA HIS B 25 0.33 -13.00 9.41
C HIS B 25 1.69 -12.47 9.84
N GLY B 26 2.28 -13.12 10.83
CA GLY B 26 3.53 -12.64 11.41
C GLY B 26 4.74 -12.97 10.54
N ILE B 27 5.87 -12.32 10.83
CA ILE B 27 7.13 -12.68 10.20
C ILE B 27 7.62 -13.98 10.86
N PRO B 28 8.48 -14.76 10.18
CA PRO B 28 8.97 -16.03 10.73
C PRO B 28 9.76 -15.85 12.03
N ASP B 29 9.82 -16.90 12.82
CA ASP B 29 10.49 -16.86 14.12
C ASP B 29 11.94 -16.39 14.02
N ALA B 30 12.63 -16.88 13.01
CA ALA B 30 14.03 -16.53 12.81
C ALA B 30 14.19 -15.02 12.56
N LEU B 31 13.20 -14.42 11.93
CA LEU B 31 13.24 -12.99 11.61
C LEU B 31 12.94 -12.17 12.87
N VAL B 32 12.00 -12.64 13.69
CA VAL B 32 11.73 -12.03 14.98
C VAL B 32 12.97 -12.08 15.87
N GLU B 33 13.63 -13.24 15.88
CA GLU B 33 14.89 -13.43 16.61
C GLU B 33 15.91 -12.36 16.21
N HIS B 34 16.06 -12.15 14.90
CA HIS B 34 17.04 -11.21 14.38
C HIS B 34 16.66 -9.76 14.70
N TRP B 35 15.37 -9.47 14.59
CA TRP B 35 14.84 -8.16 14.87
C TRP B 35 15.13 -7.77 16.33
N GLU B 36 14.78 -8.64 17.27
CA GLU B 36 15.06 -8.38 18.69
C GLU B 36 16.56 -8.28 18.97
N TRP B 37 17.34 -9.15 18.33
CA TRP B 37 18.79 -9.07 18.47
C TRP B 37 19.35 -7.73 18.01
N THR B 38 18.91 -7.28 16.82
CA THR B 38 19.35 -6.01 16.25
C THR B 38 19.02 -4.83 17.18
N ARG B 39 17.77 -4.74 17.61
CA ARG B 39 17.33 -3.64 18.48
C ARG B 39 18.11 -3.60 19.78
N THR B 40 18.52 -4.76 20.25
CA THR B 40 19.23 -4.82 21.51
C THR B 40 20.68 -4.42 21.31
N ARG B 41 21.29 -4.94 20.24
CA ARG B 41 22.71 -4.74 19.97
C ARG B 41 23.02 -3.31 19.52
N PHE B 42 22.09 -2.70 18.78
CA PHE B 42 22.24 -1.32 18.31
C PHE B 42 21.09 -0.44 18.81
N PRO B 43 21.07 -0.13 20.12
CA PRO B 43 19.87 0.46 20.75
C PRO B 43 19.53 1.87 20.26
N ASP B 44 18.23 2.14 20.20
CA ASP B 44 17.68 3.44 19.80
C ASP B 44 18.35 4.06 18.57
N ALA B 45 18.79 3.21 17.64
CA ALA B 45 19.37 3.68 16.39
C ALA B 45 18.32 4.40 15.54
N ASP B 46 17.05 4.05 15.77
CA ASP B 46 15.92 4.72 15.09
C ASP B 46 15.98 4.40 13.58
N LYS B 47 16.39 3.17 13.23
CA LYS B 47 16.66 2.82 11.83
C LYS B 47 15.95 1.57 11.28
N MET B 48 15.78 0.53 12.09
CA MET B 48 15.23 -0.70 11.53
C MET B 48 13.71 -0.58 11.33
N SER B 49 13.19 -1.32 10.36
CA SER B 49 11.75 -1.33 10.08
C SER B 49 10.97 -2.03 11.19
N SER B 50 9.66 -1.82 11.24
CA SER B 50 8.82 -2.47 12.25
C SER B 50 8.54 -3.92 11.89
N ARG B 51 7.95 -4.68 12.82
CA ARG B 51 7.55 -6.06 12.56
C ARG B 51 6.45 -6.11 11.48
N LEU B 52 5.48 -5.22 11.58
CA LEU B 52 4.43 -5.12 10.57
C LEU B 52 5.01 -4.79 9.17
N GLN B 53 6.00 -3.92 9.10
CA GLN B 53 6.65 -3.65 7.81
C GLN B 53 7.27 -4.91 7.24
N GLY B 54 7.85 -5.72 8.14
CA GLY B 54 8.39 -7.02 7.77
C GLY B 54 7.34 -7.88 7.11
N SER B 55 6.16 -7.92 7.72
CA SER B 55 5.04 -8.67 7.16
C SER B 55 4.66 -8.12 5.78
N TRP B 56 4.68 -6.80 5.65
CA TRP B 56 4.33 -6.16 4.38
C TRP B 56 5.34 -6.51 3.30
N MET B 57 6.63 -6.55 3.66
CA MET B 57 7.67 -6.88 2.71
C MET B 57 7.51 -8.31 2.22
N ILE B 58 7.29 -9.21 3.16
CA ILE B 58 7.10 -10.61 2.82
C ILE B 58 5.86 -10.81 1.95
N PHE B 59 4.73 -10.26 2.38
CA PHE B 59 3.51 -10.34 1.58
C PHE B 59 3.75 -9.81 0.16
N THR B 60 4.41 -8.67 0.07
CA THR B 60 4.64 -8.02 -1.22
C THR B 60 5.46 -8.90 -2.16
N ALA B 61 6.52 -9.50 -1.66
CA ALA B 61 7.33 -10.38 -2.50
C ALA B 61 6.57 -11.67 -2.86
N ARG B 62 5.82 -12.23 -1.90
CA ARG B 62 5.01 -13.43 -2.20
C ARG B 62 3.99 -13.12 -3.28
N ASP B 63 3.39 -11.94 -3.19
CA ASP B 63 2.38 -11.49 -4.15
C ASP B 63 2.99 -11.25 -5.53
N ARG B 64 4.01 -10.39 -5.60
CA ARG B 64 4.56 -9.94 -6.88
C ARG B 64 5.47 -10.94 -7.57
N LYS B 65 6.00 -11.87 -6.78
CA LYS B 65 6.99 -12.86 -7.25
C LYS B 65 8.10 -12.24 -8.14
N PRO B 66 8.86 -11.29 -7.59
CA PRO B 66 9.95 -10.70 -8.40
C PRO B 66 11.03 -11.74 -8.66
N LYS B 67 11.69 -11.62 -9.81
CA LYS B 67 12.78 -12.50 -10.17
C LYS B 67 14.09 -12.04 -9.55
N ARG B 68 14.23 -10.73 -9.40
CA ARG B 68 15.42 -10.15 -8.78
C ARG B 68 15.00 -8.98 -7.91
N ILE B 69 15.64 -8.86 -6.76
CA ILE B 69 15.35 -7.76 -5.85
C ILE B 69 16.63 -7.00 -5.52
N LEU B 70 16.55 -5.67 -5.61
CA LEU B 70 17.62 -4.80 -5.14
C LEU B 70 17.16 -4.00 -3.94
N GLU B 71 17.99 -3.91 -2.90
CA GLU B 71 17.65 -2.95 -1.87
C GLU B 71 18.86 -2.09 -1.53
N ILE B 72 18.62 -0.83 -1.26
CA ILE B 72 19.62 0.08 -0.85
C ILE B 72 19.44 0.40 0.62
N GLY B 73 20.38 -0.06 1.41
CA GLY B 73 20.48 0.22 2.83
C GLY B 73 20.22 -0.98 3.69
N CYS B 74 21.14 -1.90 3.70
CA CYS B 74 20.97 -3.20 4.30
C CYS B 74 20.80 -3.16 5.83
N TYR B 75 21.49 -2.25 6.48
CA TYR B 75 21.59 -2.17 7.93
C TYR B 75 22.03 -3.53 8.52
N SER B 76 21.16 -4.17 9.29
CA SER B 76 21.50 -5.45 9.91
C SER B 76 21.02 -6.64 9.09
N GLY B 77 20.33 -6.35 7.99
CA GLY B 77 19.90 -7.39 7.07
C GLY B 77 18.47 -7.82 7.26
N TYR B 78 17.75 -7.10 8.11
CA TYR B 78 16.36 -7.45 8.43
C TYR B 78 15.45 -7.48 7.20
N SER B 79 15.45 -6.40 6.42
CA SER B 79 14.57 -6.36 5.25
C SER B 79 15.06 -7.34 4.19
N ALA B 80 16.38 -7.49 4.07
CA ALA B 80 16.94 -8.49 3.15
C ALA B 80 16.41 -9.90 3.47
N LEU B 81 16.36 -10.24 4.74
CA LEU B 81 15.84 -11.54 5.16
C LEU B 81 14.35 -11.66 4.87
N ALA B 82 13.62 -10.55 5.03
CA ALA B 82 12.21 -10.53 4.67
C ALA B 82 12.02 -10.83 3.16
N TRP B 83 12.81 -10.17 2.32
CA TRP B 83 12.71 -10.41 0.87
C TRP B 83 13.05 -11.87 0.58
N TYR B 84 14.06 -12.38 1.29
CA TYR B 84 14.46 -13.78 1.15
C TYR B 84 13.28 -14.70 1.45
N GLU B 85 12.59 -14.45 2.56
CA GLU B 85 11.46 -15.28 2.97
C GLU B 85 10.34 -15.29 1.95
N GLY B 86 10.05 -14.13 1.38
CA GLY B 86 8.94 -13.99 0.47
C GLY B 86 9.22 -14.50 -0.94
N THR B 87 10.47 -14.90 -1.19
CA THR B 87 10.86 -15.35 -2.52
C THR B 87 11.47 -16.76 -2.53
N ARG B 88 11.13 -17.56 -1.52
CA ARG B 88 11.61 -18.94 -1.50
C ARG B 88 11.13 -19.75 -2.71
N ASP B 89 9.97 -19.39 -3.25
CA ASP B 89 9.42 -20.13 -4.38
C ASP B 89 10.13 -19.80 -5.69
N THR B 90 10.56 -18.56 -5.85
CA THR B 90 11.24 -18.17 -7.09
C THR B 90 12.75 -18.27 -6.95
N LYS B 91 13.24 -18.41 -5.72
CA LYS B 91 14.66 -18.28 -5.38
C LYS B 91 15.28 -17.06 -6.06
N ALA B 92 14.58 -15.92 -5.91
CA ALA B 92 15.06 -14.65 -6.43
C ALA B 92 16.43 -14.29 -5.87
N GLU B 93 17.26 -13.69 -6.71
CA GLU B 93 18.49 -13.06 -6.23
C GLU B 93 18.13 -11.79 -5.47
N ILE B 94 18.83 -11.56 -4.37
CA ILE B 94 18.57 -10.38 -3.56
C ILE B 94 19.88 -9.63 -3.38
N VAL B 95 19.96 -8.46 -4.00
CA VAL B 95 21.16 -7.64 -3.92
C VAL B 95 20.95 -6.54 -2.89
N THR B 96 21.85 -6.42 -1.93
CA THR B 96 21.66 -5.38 -0.94
C THR B 96 22.94 -4.57 -0.71
N LEU B 97 22.77 -3.25 -0.67
CA LEU B 97 23.90 -2.33 -0.59
C LEU B 97 24.05 -1.71 0.79
N GLU B 98 25.29 -1.55 1.26
CA GLU B 98 25.55 -1.00 2.60
C GLU B 98 26.98 -0.43 2.67
N TYR B 99 27.15 0.63 3.43
CA TYR B 99 28.47 1.24 3.48
C TYR B 99 29.15 1.20 4.83
N SER B 100 28.34 0.99 5.84
CA SER B 100 28.86 0.98 7.20
C SER B 100 29.59 -0.31 7.51
N PRO B 101 30.87 -0.22 7.89
CA PRO B 101 31.64 -1.44 8.18
C PRO B 101 31.00 -2.28 9.29
N LYS B 102 30.51 -1.62 10.33
CA LYS B 102 29.91 -2.31 11.48
C LYS B 102 28.65 -3.07 11.05
N MET B 103 27.85 -2.43 10.20
CA MET B 103 26.59 -3.03 9.77
C MET B 103 26.81 -4.09 8.69
N ILE B 104 27.86 -3.91 7.90
CA ILE B 104 28.30 -4.95 6.97
C ILE B 104 28.63 -6.23 7.75
N ALA B 105 29.42 -6.08 8.81
CA ALA B 105 29.83 -7.24 9.61
C ALA B 105 28.61 -7.93 10.25
N ALA B 106 27.72 -7.13 10.83
CA ALA B 106 26.48 -7.64 11.41
C ALA B 106 25.62 -8.39 10.38
N SER B 107 25.54 -7.85 9.17
CA SER B 107 24.70 -8.44 8.14
C SER B 107 25.28 -9.75 7.63
N ARG B 108 26.61 -9.76 7.44
CA ARG B 108 27.30 -10.98 7.01
C ARG B 108 27.10 -12.09 8.04
N GLU B 109 27.23 -11.72 9.31
CA GLU B 109 27.02 -12.63 10.44
C GLU B 109 25.61 -13.20 10.44
N ALA B 110 24.63 -12.33 10.26
CA ALA B 110 23.23 -12.73 10.22
C ALA B 110 22.95 -13.60 9.00
N PHE B 111 23.50 -13.22 7.85
CA PHE B 111 23.24 -13.99 6.64
C PHE B 111 23.83 -15.40 6.79
N LYS B 112 25.00 -15.49 7.42
CA LYS B 112 25.62 -16.78 7.69
C LYS B 112 24.80 -17.59 8.68
N LYS B 113 24.29 -16.94 9.71
CA LYS B 113 23.52 -17.63 10.74
C LYS B 113 22.28 -18.29 10.16
N TYR B 114 21.57 -17.56 9.29
CA TYR B 114 20.28 -18.03 8.82
C TYR B 114 20.35 -18.78 7.49
N GLY B 115 21.57 -18.90 6.95
CA GLY B 115 21.82 -19.73 5.79
C GLY B 115 21.27 -19.20 4.48
N VAL B 116 21.24 -17.88 4.34
CA VAL B 116 20.65 -17.26 3.16
C VAL B 116 21.69 -16.87 2.11
N GLY B 117 22.89 -17.43 2.19
CA GLY B 117 23.96 -17.04 1.30
C GLY B 117 23.79 -17.50 -0.14
N ASP B 118 22.82 -18.37 -0.38
CA ASP B 118 22.61 -18.92 -1.71
C ASP B 118 22.16 -17.87 -2.74
N ARG B 119 21.55 -16.78 -2.28
CA ARG B 119 21.04 -15.80 -3.23
C ARG B 119 20.99 -14.36 -2.69
N VAL B 120 21.41 -14.17 -1.44
CA VAL B 120 21.59 -12.82 -0.92
C VAL B 120 23.02 -12.40 -1.11
N LYS B 121 23.21 -11.31 -1.84
CA LYS B 121 24.52 -10.78 -2.13
C LYS B 121 24.66 -9.39 -1.55
N LEU B 122 25.58 -9.26 -0.59
CA LEU B 122 25.82 -7.99 0.07
C LEU B 122 26.94 -7.24 -0.65
N ILE B 123 26.61 -6.07 -1.19
CA ILE B 123 27.61 -5.28 -1.89
C ILE B 123 28.06 -4.12 -1.02
N GLU B 124 29.34 -4.11 -0.70
CA GLU B 124 29.87 -3.15 0.28
C GLU B 124 30.32 -1.86 -0.36
N GLY B 125 30.02 -0.75 0.30
CA GLY B 125 30.52 0.54 -0.14
C GLY B 125 29.41 1.56 -0.24
N PRO B 126 29.79 2.83 -0.44
CA PRO B 126 28.82 3.91 -0.65
C PRO B 126 27.97 3.64 -1.88
N ALA B 127 26.66 3.61 -1.69
CA ALA B 127 25.76 3.32 -2.80
C ALA B 127 25.91 4.33 -3.94
N GLU B 128 26.36 5.57 -3.64
CA GLU B 128 26.69 6.56 -4.69
C GLU B 128 27.75 6.04 -5.63
N ASN B 129 28.54 5.09 -5.16
CA ASN B 129 29.56 4.50 -6.01
C ASN B 129 29.13 3.15 -6.57
N THR B 130 28.50 2.33 -5.73
CA THR B 130 28.26 0.93 -6.10
C THR B 130 27.02 0.72 -6.97
N LEU B 131 25.98 1.51 -6.73
CA LEU B 131 24.69 1.28 -7.43
C LEU B 131 24.88 1.31 -8.94
N LYS B 132 25.62 2.30 -9.42
CA LYS B 132 25.81 2.45 -10.86
C LYS B 132 26.61 1.29 -11.46
N THR B 133 27.27 0.49 -10.62
CA THR B 133 28.07 -0.62 -11.14
C THR B 133 27.24 -1.87 -11.35
N LEU B 134 26.02 -1.89 -10.84
CA LEU B 134 25.15 -3.05 -11.01
C LEU B 134 24.74 -3.22 -12.47
N GLU B 135 24.41 -4.47 -12.84
CA GLU B 135 24.02 -4.81 -14.21
C GLU B 135 22.63 -5.46 -14.23
N GLY B 136 22.01 -5.47 -15.41
CA GLY B 136 20.74 -6.16 -15.59
C GLY B 136 19.60 -5.37 -15.00
N GLU B 137 18.52 -6.06 -14.64
CA GLU B 137 17.35 -5.37 -14.12
C GLU B 137 16.74 -6.07 -12.91
N PHE B 138 16.00 -5.28 -12.11
CA PHE B 138 15.33 -5.78 -10.92
C PHE B 138 13.83 -5.56 -11.00
N ASP B 139 13.07 -6.53 -10.49
CA ASP B 139 11.61 -6.48 -10.50
C ASP B 139 11.07 -5.72 -9.29
N LEU B 140 11.89 -5.62 -8.26
CA LEU B 140 11.49 -4.88 -7.07
C LEU B 140 12.72 -4.23 -6.50
N ILE B 141 12.65 -2.93 -6.29
CA ILE B 141 13.74 -2.18 -5.72
C ILE B 141 13.25 -1.44 -4.49
N PHE B 142 13.93 -1.68 -3.37
CA PHE B 142 13.58 -1.06 -2.09
C PHE B 142 14.63 -0.02 -1.73
N VAL B 143 14.26 1.25 -1.74
CA VAL B 143 15.21 2.32 -1.44
C VAL B 143 15.03 2.73 0.01
N ASP B 144 16.03 2.46 0.83
CA ASP B 144 15.88 2.65 2.27
C ASP B 144 17.21 3.05 2.93
N ALA B 145 17.97 3.91 2.25
CA ALA B 145 19.29 4.33 2.72
C ALA B 145 19.29 5.81 3.12
N ASN B 146 20.36 6.54 2.80
CA ASN B 146 20.43 7.95 3.19
C ASN B 146 19.38 8.77 2.43
N LYS B 147 18.54 9.48 3.19
CA LYS B 147 17.40 10.17 2.59
C LYS B 147 17.85 11.23 1.58
N ASP B 148 19.00 11.85 1.83
CA ASP B 148 19.52 12.87 0.93
C ASP B 148 20.01 12.30 -0.40
N GLY B 149 20.08 10.98 -0.47
CA GLY B 149 20.56 10.31 -1.68
C GLY B 149 19.49 9.71 -2.58
N TYR B 150 18.23 9.73 -2.14
CA TYR B 150 17.16 9.07 -2.90
C TYR B 150 17.07 9.53 -4.34
N ALA B 151 17.09 10.85 -4.56
CA ALA B 151 16.96 11.40 -5.91
C ALA B 151 18.07 10.87 -6.82
N GLY B 152 19.29 10.84 -6.30
CA GLY B 152 20.42 10.35 -7.07
C GLY B 152 20.28 8.87 -7.37
N TYR B 153 19.80 8.10 -6.39
CA TYR B 153 19.63 6.66 -6.58
C TYR B 153 18.57 6.36 -7.63
N VAL B 154 17.40 7.01 -7.52
CA VAL B 154 16.32 6.76 -8.48
C VAL B 154 16.76 7.16 -9.90
N LYS B 155 17.52 8.24 -9.98
CA LYS B 155 18.00 8.74 -11.27
C LYS B 155 18.89 7.71 -11.95
N THR B 156 19.83 7.14 -11.21
CA THR B 156 20.69 6.08 -11.71
C THR B 156 19.88 4.86 -12.12
N ILE B 157 18.94 4.46 -11.27
CA ILE B 157 18.05 3.32 -11.53
C ILE B 157 17.29 3.48 -12.85
N LEU B 158 16.75 4.67 -13.08
CA LEU B 158 15.98 4.92 -14.30
C LEU B 158 16.91 5.06 -15.50
N ASP B 159 17.95 5.89 -15.37
CA ASP B 159 18.84 6.16 -16.50
C ASP B 159 19.61 4.91 -16.95
N GLN B 160 19.89 4.00 -16.02
CA GLN B 160 20.62 2.79 -16.39
C GLN B 160 19.70 1.57 -16.58
N GLY B 161 18.40 1.79 -16.49
CA GLY B 161 17.43 0.73 -16.74
C GLY B 161 17.54 -0.42 -15.74
N LEU B 162 17.83 -0.10 -14.48
CA LEU B 162 17.93 -1.13 -13.45
C LEU B 162 16.55 -1.58 -12.98
N LEU B 163 15.53 -0.80 -13.32
CA LEU B 163 14.13 -1.14 -13.04
C LEU B 163 13.51 -1.81 -14.25
N SER B 164 12.98 -3.02 -14.07
CA SER B 164 12.40 -3.77 -15.18
C SER B 164 11.07 -3.17 -15.64
N ALA B 165 10.62 -3.60 -16.81
CA ALA B 165 9.35 -3.16 -17.38
C ALA B 165 8.14 -3.54 -16.51
N ASN B 166 8.26 -4.63 -15.75
CA ASN B 166 7.15 -5.06 -14.87
C ASN B 166 7.39 -4.74 -13.40
N GLY B 167 8.41 -3.93 -13.14
CA GLY B 167 8.88 -3.72 -11.78
C GLY B 167 8.28 -2.54 -11.05
N ILE B 168 8.68 -2.42 -9.78
CA ILE B 168 8.28 -1.29 -8.97
C ILE B 168 9.46 -0.86 -8.11
N ILE B 169 9.58 0.45 -7.87
CA ILE B 169 10.48 0.96 -6.85
C ILE B 169 9.65 1.35 -5.65
N LEU B 170 10.06 0.90 -4.47
CA LEU B 170 9.42 1.34 -3.23
C LEU B 170 10.43 2.14 -2.41
N CYS B 171 10.14 3.42 -2.16
CA CYS B 171 11.04 4.29 -1.40
C CYS B 171 10.49 4.49 0.01
N ASP B 172 11.31 4.23 1.03
CA ASP B 172 10.83 4.20 2.42
C ASP B 172 11.08 5.54 3.14
N ASN B 173 10.31 5.81 4.20
CA ASN B 173 10.51 6.99 5.06
C ASN B 173 10.38 8.35 4.36
N VAL B 174 9.59 8.40 3.30
CA VAL B 174 9.49 9.60 2.47
C VAL B 174 8.94 10.81 3.24
N PHE B 175 8.10 10.54 4.24
CA PHE B 175 7.51 11.60 5.07
C PHE B 175 8.48 12.23 6.07
N ALA B 176 9.59 11.55 6.37
CA ALA B 176 10.53 11.98 7.41
C ALA B 176 9.80 12.35 8.70
N ARG B 177 8.93 11.44 9.15
CA ARG B 177 8.16 11.52 10.37
C ARG B 177 7.10 12.63 10.31
N GLY B 178 6.89 13.18 9.13
CA GLY B 178 6.01 14.32 8.95
C GLY B 178 6.73 15.56 8.43
N LEU B 179 8.03 15.64 8.68
CA LEU B 179 8.77 16.86 8.43
C LEU B 179 9.00 17.12 6.94
N THR B 180 8.79 16.13 6.08
CA THR B 180 8.88 16.37 4.64
C THR B 180 7.81 17.37 4.20
N ILE B 181 6.65 17.26 4.83
CA ILE B 181 5.49 18.06 4.49
C ILE B 181 5.60 19.48 5.07
N GLY B 182 6.04 19.58 6.32
CA GLY B 182 6.23 20.89 6.93
C GLY B 182 6.79 20.78 8.33
N PRO B 183 7.40 21.87 8.82
CA PRO B 183 8.11 21.88 10.10
C PRO B 183 7.20 21.67 11.29
N ASP B 184 5.90 21.93 11.10
CA ASP B 184 4.92 21.79 12.19
C ASP B 184 4.11 20.49 12.10
N CYS B 185 4.57 19.55 11.27
CA CYS B 185 3.78 18.35 11.03
C CYS B 185 4.20 17.14 11.86
N ALA B 186 5.14 17.34 12.79
CA ALA B 186 5.49 16.26 13.73
C ALA B 186 5.73 16.79 15.15
N PRO B 187 4.69 17.37 15.78
CA PRO B 187 4.87 17.99 17.11
C PRO B 187 5.25 16.97 18.19
N TRP B 188 4.98 15.70 17.93
CA TRP B 188 5.24 14.62 18.88
C TRP B 188 6.68 14.13 18.85
N LEU B 189 7.38 14.48 17.77
CA LEU B 189 8.72 13.94 17.53
C LEU B 189 9.71 14.33 18.64
N ASN B 190 10.48 13.33 19.08
CA ASN B 190 11.59 13.54 20.00
C ASN B 190 12.54 14.62 19.47
N ASP B 191 12.71 15.71 20.22
CA ASP B 191 13.52 16.82 19.74
C ASP B 191 14.95 16.44 19.44
N HIS B 192 15.47 15.42 20.11
CA HIS B 192 16.84 14.99 19.86
C HIS B 192 17.04 14.45 18.42
N VAL B 193 15.98 13.94 17.77
CA VAL B 193 16.14 13.48 16.38
C VAL B 193 15.51 14.42 15.38
N ARG B 194 14.91 15.49 15.87
CA ARG B 194 14.22 16.44 15.01
C ARG B 194 15.15 17.08 13.95
N PRO B 195 16.33 17.60 14.35
CA PRO B 195 17.15 18.21 13.30
C PRO B 195 17.56 17.20 12.21
N TYR B 196 17.81 15.96 12.61
CA TYR B 196 18.12 14.94 11.61
C TYR B 196 16.94 14.76 10.64
N TRP B 197 15.74 14.56 11.19
CA TRP B 197 14.59 14.28 10.32
C TRP B 197 14.19 15.51 9.54
N ASN B 198 14.39 16.69 10.13
CA ASN B 198 14.16 17.93 9.38
C ASN B 198 15.04 18.01 8.12
N GLY B 199 16.32 17.72 8.25
CA GLY B 199 17.20 17.70 7.08
C GLY B 199 16.75 16.69 6.04
N CYS B 200 16.38 15.50 6.51
CA CYS B 200 15.86 14.48 5.61
C CYS B 200 14.61 14.95 4.87
N GLY B 201 13.71 15.59 5.59
CA GLY B 201 12.46 16.08 5.00
C GLY B 201 12.69 17.06 3.88
N GLN B 202 13.67 17.94 4.05
CA GLN B 202 14.00 18.93 3.01
C GLN B 202 14.49 18.23 1.75
N ALA B 203 15.36 17.24 1.91
CA ALA B 203 15.82 16.45 0.78
C ALA B 203 14.67 15.67 0.13
N LEU B 204 13.79 15.10 0.96
CA LEU B 204 12.74 14.23 0.44
C LEU B 204 11.63 15.03 -0.24
N ASP B 205 11.46 16.28 0.17
CA ASP B 205 10.48 17.15 -0.47
C ASP B 205 10.97 17.48 -1.89
N LYS B 206 12.26 17.79 -2.01
CA LYS B 206 12.90 18.01 -3.32
C LYS B 206 12.83 16.75 -4.19
N PHE B 207 13.10 15.61 -3.58
CA PHE B 207 12.95 14.30 -4.21
C PHE B 207 11.55 14.10 -4.77
N SER B 208 10.55 14.33 -3.92
CA SER B 208 9.17 14.04 -4.30
C SER B 208 8.71 14.94 -5.44
N ALA B 209 9.07 16.22 -5.36
CA ALA B 209 8.70 17.17 -6.41
C ALA B 209 9.42 16.80 -7.71
N GLY B 210 10.68 16.38 -7.57
CA GLY B 210 11.47 15.96 -8.72
C GLY B 210 10.86 14.83 -9.53
N LEU B 211 10.26 13.86 -8.84
CA LEU B 211 9.66 12.71 -9.53
C LEU B 211 8.47 13.11 -10.40
N MET B 212 7.75 14.14 -9.95
CA MET B 212 6.57 14.61 -10.66
C MET B 212 6.93 15.33 -11.98
N GLU B 213 8.20 15.60 -12.18
CA GLU B 213 8.67 16.25 -13.41
C GLU B 213 9.14 15.24 -14.46
N ASP B 214 9.26 13.98 -14.05
CA ASP B 214 9.82 12.95 -14.91
C ASP B 214 8.72 12.31 -15.74
N PRO B 215 8.73 12.55 -17.07
CA PRO B 215 7.66 12.05 -17.93
C PRO B 215 7.72 10.53 -18.16
N ARG B 216 8.78 9.89 -17.73
CA ARG B 216 8.95 8.47 -18.03
C ARG B 216 8.21 7.54 -17.06
N ILE B 217 7.73 8.09 -15.95
CA ILE B 217 7.29 7.23 -14.84
C ILE B 217 5.91 7.58 -14.32
N ASP B 218 5.28 6.60 -13.69
CA ASP B 218 4.06 6.78 -12.89
C ASP B 218 4.47 6.80 -11.43
N VAL B 219 3.83 7.66 -10.65
CA VAL B 219 4.27 7.92 -9.28
C VAL B 219 3.11 7.97 -8.30
N LEU B 220 3.23 7.26 -7.18
CA LEU B 220 2.25 7.36 -6.10
C LEU B 220 2.91 7.45 -4.74
N LEU B 221 2.61 8.51 -3.99
CA LEU B 221 3.09 8.62 -2.60
C LEU B 221 1.99 8.14 -1.66
N LEU B 222 2.18 6.94 -1.11
CA LEU B 222 1.17 6.32 -0.26
C LEU B 222 1.39 6.67 1.22
N PRO B 223 0.34 7.14 1.92
CA PRO B 223 0.53 7.54 3.30
C PRO B 223 0.44 6.34 4.25
N VAL B 224 1.37 5.42 4.09
CA VAL B 224 1.45 4.24 4.95
C VAL B 224 2.83 4.23 5.61
N PHE B 225 2.92 3.68 6.82
CA PHE B 225 4.17 3.64 7.59
C PHE B 225 4.74 5.07 7.69
N ASP B 226 5.97 5.29 7.23
CA ASP B 226 6.54 6.64 7.29
C ASP B 226 6.57 7.26 5.88
N GLY B 227 5.57 6.91 5.07
CA GLY B 227 5.45 7.38 3.71
C GLY B 227 6.21 6.48 2.75
N VAL B 228 5.52 5.94 1.75
CA VAL B 228 6.14 5.03 0.79
C VAL B 228 5.83 5.49 -0.63
N THR B 229 6.86 5.92 -1.35
CA THR B 229 6.65 6.28 -2.75
C THR B 229 6.77 5.05 -3.63
N GLN B 230 5.76 4.83 -4.48
CA GLN B 230 5.81 3.74 -5.45
C GLN B 230 6.10 4.34 -6.81
N ILE B 231 7.08 3.76 -7.53
CA ILE B 231 7.46 4.23 -8.86
C ILE B 231 7.50 3.05 -9.85
N ARG B 232 6.93 3.25 -11.04
CA ARG B 232 7.04 2.30 -12.11
C ARG B 232 7.31 3.07 -13.39
N TRP B 233 7.91 2.40 -14.38
CA TRP B 233 7.91 2.94 -15.73
C TRP B 233 6.46 3.11 -16.21
N LYS B 234 6.19 4.16 -16.96
CA LYS B 234 4.91 4.24 -17.67
C LYS B 234 4.77 3.06 -18.64
N ASP B 235 3.53 2.75 -18.99
CA ASP B 235 3.22 1.70 -19.96
C ASP B 235 4.01 1.92 -21.25
N GLY B 236 4.52 0.84 -21.85
CA GLY B 236 5.16 0.95 -23.15
C GLY B 236 4.19 1.34 -24.26
N ALA B 237 4.75 1.75 -25.39
CA ALA B 237 3.96 2.17 -26.53
C ALA B 237 3.12 1.00 -27.05
N GLN B 238 1.83 1.22 -27.14
CA GLN B 238 0.91 0.17 -27.56
C GLN B 238 0.88 0.00 -29.09
N ARG B 239 1.04 1.11 -29.81
CA ARG B 239 0.90 1.11 -31.27
C ARG B 239 2.09 1.79 -31.95
N ALA B 240 2.43 1.34 -33.16
CA ALA B 240 3.57 1.90 -33.88
C ALA B 240 3.27 3.30 -34.44
#